data_6P9M
#
_entry.id   6P9M
#
_cell.length_a   77.713
_cell.length_b   77.713
_cell.length_c   146.441
_cell.angle_alpha   90.000
_cell.angle_beta   90.000
_cell.angle_gamma   120.000
#
_symmetry.space_group_name_H-M   'P 31 2 1'
#
loop_
_entity.id
_entity.type
_entity.pdbx_description
1 polymer '3-oxoacyl-[acyl-carrier-protein] synthase 1'
2 non-polymer 'SODIUM ION'
3 non-polymer N-(2-cyano-3-methyl-1H-indol-5-yl)pentane-1-sulfonamide
4 non-polymer GLYCEROL
5 non-polymer 'ISOPROPYL ALCOHOL'
6 water water
#
_entity_poly.entity_id   1
_entity_poly.type   'polypeptide(L)'
_entity_poly.pdbx_seq_one_letter_code
;QPSTANGGFPSVVVTAVTATTSISPDIESTWKGLLAGESGIHALEDEFVTKWDLAVKIGGHLKDPVDSHMGRLDMRRMSY
VQRMGKLLGGQLWESAGSPEVDPDRFAVVVGTGLGGAERIVESYDLMNAGGPRKVSPLAVQMIMPNGAAAVIGLQLGARA
GVMTPVSACSSGSEAIAHAWRQIVMGDADVAVCGGVEGPIEALPIAAFSMMRAMSTRNDEPERASRPFDKDRDGFVFGEA
GALMLIETEEHAKARGAKPLARLLGAGITSDAFHMVAPAADGVRAGRAMTRSLELAGLSPADIDHVNAHGTATPIGDAAE
ANAIRVAGCDQAAVYAPKSALGHSIGAVGALESVLTVLTLRDGVIPPTLNYETPDPEIDLDVVAGEPRYGDYRYAVNNSF
GFGGHNVALAFGRY
;
_entity_poly.pdbx_strand_id   A
#
# COMPACT_ATOMS: atom_id res chain seq x y z
N GLN A 1 30.00 -5.14 0.66
CA GLN A 1 28.98 -5.52 1.63
C GLN A 1 27.87 -6.36 0.98
N PRO A 2 27.28 -7.27 1.75
CA PRO A 2 26.31 -8.22 1.18
C PRO A 2 25.20 -7.53 0.40
N SER A 3 24.78 -8.17 -0.69
CA SER A 3 23.72 -7.66 -1.54
C SER A 3 23.07 -8.84 -2.27
N THR A 4 21.88 -8.59 -2.82
CA THR A 4 21.20 -9.65 -3.57
C THR A 4 21.91 -9.95 -4.89
N ALA A 5 22.53 -8.94 -5.50
CA ALA A 5 23.20 -9.16 -6.78
C ALA A 5 24.47 -9.98 -6.62
N ASN A 6 25.25 -9.70 -5.57
CA ASN A 6 26.50 -10.41 -5.32
C ASN A 6 26.32 -11.63 -4.41
N GLY A 7 25.09 -12.10 -4.24
CA GLY A 7 24.83 -13.29 -3.45
C GLY A 7 24.82 -13.09 -1.95
N GLY A 8 25.01 -11.87 -1.46
CA GLY A 8 25.00 -11.64 -0.03
C GLY A 8 23.67 -11.96 0.61
N PHE A 9 22.58 -11.65 -0.08
CA PHE A 9 21.24 -12.00 0.37
C PHE A 9 20.63 -13.08 -0.52
N PRO A 10 19.82 -13.97 0.03
CA PRO A 10 19.12 -14.94 -0.81
C PRO A 10 18.07 -14.25 -1.69
N SER A 11 17.86 -14.82 -2.87
CA SER A 11 16.93 -14.24 -3.82
C SER A 11 15.50 -14.44 -3.35
N VAL A 12 14.73 -13.35 -3.32
CA VAL A 12 13.34 -13.37 -2.87
C VAL A 12 12.46 -12.96 -4.04
N VAL A 13 11.38 -13.70 -4.25
CA VAL A 13 10.47 -13.48 -5.39
C VAL A 13 9.05 -13.37 -4.88
N VAL A 14 8.21 -12.69 -5.66
CA VAL A 14 6.78 -12.57 -5.38
C VAL A 14 6.05 -13.63 -6.19
N THR A 15 5.26 -14.46 -5.52
CA THR A 15 4.60 -15.58 -6.16
C THR A 15 3.09 -15.49 -6.20
N ALA A 16 2.48 -14.56 -5.46
CA ALA A 16 1.04 -14.39 -5.47
C ALA A 16 0.69 -13.02 -4.92
N VAL A 17 -0.35 -12.41 -5.48
CA VAL A 17 -0.82 -11.09 -5.04
C VAL A 17 -2.34 -11.11 -4.96
N THR A 18 -2.87 -10.25 -4.09
CA THR A 18 -4.31 -10.10 -3.94
CA THR A 18 -4.31 -10.11 -3.91
C THR A 18 -4.60 -8.69 -3.42
N ALA A 19 -5.70 -8.12 -3.89
CA ALA A 19 -6.06 -6.77 -3.47
C ALA A 19 -7.53 -6.52 -3.77
N THR A 20 -8.18 -5.76 -2.89
CA THR A 20 -9.51 -5.22 -3.14
C THR A 20 -9.39 -3.70 -3.20
N THR A 21 -9.94 -3.10 -4.26
CA THR A 21 -9.78 -1.68 -4.52
C THR A 21 -11.14 -1.07 -4.82
N SER A 22 -11.13 0.25 -5.03
CA SER A 22 -12.33 0.95 -5.48
C SER A 22 -12.70 0.59 -6.91
N ILE A 23 -11.81 -0.07 -7.65
CA ILE A 23 -12.11 -0.49 -9.02
C ILE A 23 -12.73 -1.87 -9.04
N SER A 24 -12.16 -2.83 -8.32
CA SER A 24 -12.60 -4.21 -8.40
C SER A 24 -12.08 -4.97 -7.19
N PRO A 25 -12.78 -6.03 -6.76
CA PRO A 25 -12.19 -6.95 -5.77
C PRO A 25 -11.14 -7.88 -6.36
N ASP A 26 -11.07 -7.99 -7.69
N ASP A 26 -11.08 -7.99 -7.69
CA ASP A 26 -10.09 -8.84 -8.35
CA ASP A 26 -10.09 -8.81 -8.38
C ASP A 26 -8.92 -7.97 -8.81
C ASP A 26 -8.92 -7.93 -8.78
N ILE A 27 -7.71 -8.34 -8.39
CA ILE A 27 -6.53 -7.53 -8.69
C ILE A 27 -6.27 -7.50 -10.20
N GLU A 28 -6.54 -8.60 -10.89
CA GLU A 28 -6.37 -8.59 -12.35
C GLU A 28 -7.40 -7.70 -13.02
N SER A 29 -8.62 -7.67 -12.48
CA SER A 29 -9.63 -6.76 -13.01
C SER A 29 -9.30 -5.31 -12.69
N THR A 30 -8.69 -5.05 -11.52
CA THR A 30 -8.22 -3.70 -11.23
C THR A 30 -7.11 -3.29 -12.19
N TRP A 31 -6.17 -4.21 -12.45
CA TRP A 31 -5.08 -3.92 -13.39
C TRP A 31 -5.62 -3.60 -14.77
N LYS A 32 -6.59 -4.38 -15.25
CA LYS A 32 -7.21 -4.10 -16.55
C LYS A 32 -7.89 -2.74 -16.55
N GLY A 33 -8.61 -2.42 -15.47
CA GLY A 33 -9.30 -1.14 -15.41
C GLY A 33 -8.34 0.03 -15.41
N LEU A 34 -7.23 -0.08 -14.67
CA LEU A 34 -6.23 0.98 -14.67
C LEU A 34 -5.68 1.22 -16.07
N LEU A 35 -5.44 0.14 -16.82
CA LEU A 35 -4.90 0.28 -18.16
C LEU A 35 -5.90 0.94 -19.11
N ALA A 36 -7.20 0.73 -18.87
CA ALA A 36 -8.24 1.38 -19.66
C ALA A 36 -8.53 2.80 -19.21
N GLY A 37 -7.78 3.31 -18.25
CA GLY A 37 -7.98 4.67 -17.77
C GLY A 37 -9.14 4.84 -16.82
N GLU A 38 -9.61 3.77 -16.20
CA GLU A 38 -10.74 3.85 -15.28
C GLU A 38 -10.31 4.46 -13.96
N SER A 39 -11.27 5.09 -13.28
CA SER A 39 -11.06 5.67 -11.97
C SER A 39 -12.07 5.10 -10.98
N GLY A 40 -11.63 4.89 -9.74
CA GLY A 40 -12.49 4.45 -8.68
C GLY A 40 -13.08 5.55 -7.84
N ILE A 41 -12.72 6.80 -8.11
CA ILE A 41 -13.17 7.95 -7.34
C ILE A 41 -14.49 8.45 -7.90
N HIS A 42 -15.50 8.56 -7.04
CA HIS A 42 -16.83 9.01 -7.44
C HIS A 42 -17.39 9.92 -6.37
N ALA A 43 -18.62 10.37 -6.58
CA ALA A 43 -19.34 11.15 -5.58
C ALA A 43 -19.84 10.24 -4.47
N LEU A 44 -19.87 10.79 -3.25
CA LEU A 44 -20.18 10.00 -2.06
C LEU A 44 -21.67 10.07 -1.78
N GLU A 45 -22.36 8.94 -1.94
CA GLU A 45 -23.76 8.83 -1.59
C GLU A 45 -23.97 8.57 -0.11
N ASP A 46 -22.90 8.63 0.69
CA ASP A 46 -23.01 8.41 2.12
C ASP A 46 -23.75 9.56 2.80
N GLU A 47 -24.54 9.23 3.81
CA GLU A 47 -25.34 10.24 4.49
C GLU A 47 -24.50 11.18 5.34
N PHE A 48 -23.28 10.77 5.74
CA PHE A 48 -22.49 11.63 6.62
C PHE A 48 -21.93 12.85 5.90
N VAL A 49 -21.87 12.83 4.56
CA VAL A 49 -21.42 14.00 3.83
C VAL A 49 -22.49 15.08 3.85
N THR A 50 -23.75 14.70 3.64
CA THR A 50 -24.84 15.65 3.74
C THR A 50 -25.10 16.05 5.18
N LYS A 51 -24.78 15.18 6.14
CA LYS A 51 -25.06 15.47 7.54
C LYS A 51 -24.13 16.56 8.08
N TRP A 52 -22.85 16.48 7.73
CA TRP A 52 -21.85 17.44 8.23
C TRP A 52 -21.51 18.53 7.22
N ASP A 53 -22.01 18.44 5.99
CA ASP A 53 -21.67 19.36 4.91
C ASP A 53 -20.15 19.44 4.75
N LEU A 54 -19.53 18.27 4.56
CA LEU A 54 -18.08 18.20 4.48
C LEU A 54 -17.57 18.94 3.26
N ALA A 55 -16.39 19.54 3.40
CA ALA A 55 -15.73 20.16 2.26
C ALA A 55 -15.30 19.14 1.21
N VAL A 56 -15.09 17.89 1.62
CA VAL A 56 -14.70 16.82 0.71
C VAL A 56 -15.94 15.99 0.39
N LYS A 57 -16.29 15.90 -0.89
CA LYS A 57 -17.42 15.11 -1.35
C LYS A 57 -17.01 14.03 -2.33
N ILE A 58 -15.71 13.73 -2.42
CA ILE A 58 -15.16 12.80 -3.38
C ILE A 58 -14.37 11.73 -2.64
N GLY A 59 -14.24 10.58 -3.29
CA GLY A 59 -13.58 9.43 -2.71
C GLY A 59 -14.13 8.15 -3.30
N GLY A 60 -13.36 7.09 -3.14
CA GLY A 60 -13.73 5.81 -3.72
C GLY A 60 -13.89 4.69 -2.72
N HIS A 61 -15.13 4.26 -2.49
CA HIS A 61 -15.37 3.08 -1.68
C HIS A 61 -14.94 1.82 -2.43
N LEU A 62 -14.74 0.74 -1.69
CA LEU A 62 -14.43 -0.54 -2.31
C LEU A 62 -15.54 -0.93 -3.28
N LYS A 63 -15.14 -1.42 -4.46
CA LYS A 63 -16.12 -1.89 -5.43
C LYS A 63 -16.94 -3.02 -4.85
N ASP A 64 -16.31 -3.92 -4.12
CA ASP A 64 -17.00 -5.02 -3.44
C ASP A 64 -16.78 -4.88 -1.94
N PRO A 65 -17.79 -4.49 -1.17
CA PRO A 65 -17.59 -4.26 0.26
C PRO A 65 -17.12 -5.52 0.98
N VAL A 66 -16.30 -5.31 2.01
CA VAL A 66 -15.75 -6.44 2.77
C VAL A 66 -16.86 -7.20 3.47
N ASP A 67 -17.79 -6.48 4.09
CA ASP A 67 -18.83 -7.12 4.90
C ASP A 67 -19.89 -7.82 4.07
N SER A 68 -19.87 -7.67 2.74
CA SER A 68 -20.72 -8.51 1.90
C SER A 68 -20.26 -9.96 1.88
N HIS A 69 -19.05 -10.23 2.36
CA HIS A 69 -18.52 -11.58 2.47
C HIS A 69 -18.49 -12.06 3.93
N MET A 70 -19.07 -11.30 4.85
CA MET A 70 -18.97 -11.57 6.28
C MET A 70 -20.32 -11.94 6.86
N GLY A 71 -20.38 -13.08 7.54
CA GLY A 71 -21.60 -13.52 8.19
C GLY A 71 -21.76 -12.89 9.56
N ARG A 72 -22.75 -13.42 10.29
CA ARG A 72 -23.07 -12.86 11.60
C ARG A 72 -21.92 -13.05 12.59
N LEU A 73 -21.23 -14.19 12.50
CA LEU A 73 -20.15 -14.46 13.45
C LEU A 73 -18.95 -13.55 13.20
N ASP A 74 -18.57 -13.35 11.94
CA ASP A 74 -17.42 -12.50 11.64
C ASP A 74 -17.70 -11.05 12.05
N MET A 75 -18.92 -10.58 11.83
CA MET A 75 -19.31 -9.26 12.34
C MET A 75 -19.33 -9.20 13.86
N ARG A 76 -19.29 -10.35 14.53
CA ARG A 76 -19.27 -10.43 15.98
C ARG A 76 -17.87 -10.59 16.55
N ARG A 77 -16.98 -11.28 15.83
CA ARG A 77 -15.70 -11.72 16.37
C ARG A 77 -14.52 -10.83 16.00
N MET A 78 -14.60 -10.08 14.89
CA MET A 78 -13.45 -9.36 14.38
C MET A 78 -13.81 -7.90 14.11
N SER A 79 -12.77 -7.07 14.06
CA SER A 79 -12.89 -5.69 13.61
C SER A 79 -12.91 -5.64 12.09
N TYR A 80 -12.99 -4.43 11.53
CA TYR A 80 -13.04 -4.29 10.07
C TYR A 80 -11.74 -4.76 9.44
N VAL A 81 -10.61 -4.24 9.92
CA VAL A 81 -9.32 -4.59 9.32
C VAL A 81 -9.02 -6.07 9.50
N GLN A 82 -9.50 -6.67 10.60
CA GLN A 82 -9.37 -8.11 10.76
C GLN A 82 -10.24 -8.85 9.75
N ARG A 83 -11.46 -8.35 9.51
CA ARG A 83 -12.33 -8.95 8.50
C ARG A 83 -11.70 -8.81 7.11
N MET A 84 -11.15 -7.65 6.80
CA MET A 84 -10.46 -7.47 5.53
C MET A 84 -9.24 -8.38 5.45
N GLY A 85 -8.51 -8.53 6.56
CA GLY A 85 -7.33 -9.37 6.54
C GLY A 85 -7.65 -10.84 6.34
N LYS A 86 -8.71 -11.33 6.97
CA LYS A 86 -9.12 -12.72 6.79
C LYS A 86 -9.58 -12.97 5.37
N LEU A 87 -10.30 -12.01 4.78
CA LEU A 87 -10.74 -12.15 3.40
C LEU A 87 -9.56 -12.16 2.44
N LEU A 88 -8.64 -11.20 2.59
CA LEU A 88 -7.49 -11.12 1.70
C LEU A 88 -6.53 -12.28 1.92
N GLY A 89 -6.37 -12.72 3.17
CA GLY A 89 -5.50 -13.85 3.45
C GLY A 89 -5.98 -15.13 2.80
N GLY A 90 -7.30 -15.36 2.83
CA GLY A 90 -7.84 -16.56 2.20
C GLY A 90 -7.74 -16.51 0.69
N GLN A 91 -7.98 -15.34 0.09
CA GLN A 91 -7.88 -15.21 -1.36
C GLN A 91 -6.44 -15.38 -1.82
N LEU A 92 -5.48 -14.87 -1.04
CA LEU A 92 -4.08 -14.98 -1.43
C LEU A 92 -3.60 -16.43 -1.43
N TRP A 93 -3.95 -17.18 -0.38
CA TRP A 93 -3.50 -18.56 -0.28
C TRP A 93 -4.07 -19.42 -1.39
N GLU A 94 -5.37 -19.28 -1.68
CA GLU A 94 -5.96 -20.02 -2.78
C GLU A 94 -5.33 -19.61 -4.11
N SER A 95 -5.05 -18.31 -4.28
CA SER A 95 -4.43 -17.85 -5.51
C SER A 95 -3.02 -18.41 -5.68
N ALA A 96 -2.36 -18.77 -4.58
CA ALA A 96 -1.03 -19.36 -4.62
C ALA A 96 -1.08 -20.89 -4.71
N GLY A 97 -2.26 -21.46 -4.90
CA GLY A 97 -2.40 -22.90 -4.97
C GLY A 97 -2.60 -23.59 -3.64
N SER A 98 -2.82 -22.84 -2.56
CA SER A 98 -2.97 -23.37 -1.22
C SER A 98 -1.82 -24.32 -0.86
N PRO A 99 -0.58 -23.84 -0.86
CA PRO A 99 0.55 -24.73 -0.61
C PRO A 99 0.68 -25.10 0.86
N GLU A 100 1.41 -26.18 1.10
CA GLU A 100 1.71 -26.64 2.45
C GLU A 100 3.15 -26.26 2.75
N VAL A 101 3.33 -25.20 3.53
CA VAL A 101 4.65 -24.70 3.89
C VAL A 101 4.97 -25.12 5.31
N ASP A 102 6.25 -25.03 5.66
CA ASP A 102 6.68 -25.27 7.03
C ASP A 102 6.23 -24.09 7.90
N PRO A 103 5.33 -24.31 8.87
CA PRO A 103 4.87 -23.18 9.69
C PRO A 103 5.99 -22.49 10.44
N ASP A 104 7.01 -23.23 10.86
CA ASP A 104 8.14 -22.63 11.57
C ASP A 104 9.01 -21.76 10.67
N ARG A 105 8.79 -21.80 9.35
CA ARG A 105 9.50 -20.94 8.41
C ARG A 105 8.57 -19.97 7.70
N PHE A 106 7.36 -19.78 8.23
CA PHE A 106 6.33 -18.98 7.60
C PHE A 106 6.03 -17.78 8.49
N ALA A 107 6.19 -16.58 7.95
CA ALA A 107 5.98 -15.34 8.69
C ALA A 107 4.87 -14.52 8.04
N VAL A 108 4.35 -13.56 8.81
CA VAL A 108 3.31 -12.64 8.34
C VAL A 108 3.65 -11.25 8.86
N VAL A 109 3.66 -10.27 7.96
CA VAL A 109 3.91 -8.87 8.31
C VAL A 109 2.83 -8.04 7.60
N VAL A 110 1.85 -7.56 8.35
CA VAL A 110 0.75 -6.78 7.80
C VAL A 110 0.69 -5.45 8.54
N GLY A 111 0.85 -4.35 7.79
CA GLY A 111 0.77 -3.04 8.37
C GLY A 111 -0.62 -2.46 8.30
N THR A 112 -0.85 -1.45 9.13
CA THR A 112 -2.13 -0.73 9.14
C THR A 112 -1.89 0.66 9.69
N GLY A 113 -2.84 1.56 9.42
CA GLY A 113 -2.69 2.93 9.86
C GLY A 113 -3.15 3.18 11.28
N LEU A 114 -4.18 2.47 11.73
CA LEU A 114 -4.76 2.73 13.03
C LEU A 114 -5.02 1.45 13.81
N GLY A 115 -5.82 0.55 13.24
CA GLY A 115 -6.16 -0.71 13.88
C GLY A 115 -7.67 -0.88 14.00
N GLY A 116 -8.09 -1.61 15.03
CA GLY A 116 -9.50 -1.79 15.30
C GLY A 116 -10.09 -0.64 16.08
N ALA A 117 -10.06 0.56 15.50
CA ALA A 117 -10.43 1.75 16.25
C ALA A 117 -11.92 1.80 16.53
N GLU A 118 -12.75 1.36 15.59
CA GLU A 118 -14.20 1.39 15.81
C GLU A 118 -14.64 0.46 16.92
N ARG A 119 -13.86 -0.57 17.24
CA ARG A 119 -14.19 -1.43 18.36
C ARG A 119 -13.90 -0.76 19.70
N ILE A 120 -13.11 0.31 19.72
CA ILE A 120 -12.89 1.03 20.97
C ILE A 120 -14.18 1.73 21.39
N VAL A 121 -14.78 2.48 20.46
CA VAL A 121 -16.00 3.22 20.79
C VAL A 121 -17.18 2.29 21.00
N GLU A 122 -17.14 1.09 20.45
CA GLU A 122 -18.21 0.13 20.69
C GLU A 122 -18.17 -0.38 22.12
N SER A 123 -17.00 -0.87 22.56
CA SER A 123 -16.84 -1.27 23.95
C SER A 123 -16.97 -0.08 24.89
N TYR A 124 -16.66 1.11 24.39
CA TYR A 124 -16.90 2.34 25.16
C TYR A 124 -18.38 2.49 25.49
N ASP A 125 -19.24 2.33 24.48
CA ASP A 125 -20.67 2.47 24.71
C ASP A 125 -21.24 1.30 25.50
N LEU A 126 -20.73 0.09 25.24
CA LEU A 126 -21.26 -1.11 25.90
C LEU A 126 -21.04 -1.10 27.41
N MET A 127 -20.05 -0.34 27.90
CA MET A 127 -19.89 -0.21 29.34
C MET A 127 -20.66 0.97 29.92
N ASN A 128 -20.70 2.09 29.20
CA ASN A 128 -21.49 3.23 29.66
C ASN A 128 -22.96 2.87 29.81
N ALA A 129 -23.44 1.90 29.02
CA ALA A 129 -24.84 1.51 29.03
C ALA A 129 -25.16 0.45 30.09
N GLY A 130 -24.26 -0.49 30.31
CA GLY A 130 -24.58 -1.61 31.18
C GLY A 130 -23.50 -2.08 32.13
N GLY A 131 -22.30 -1.49 32.07
CA GLY A 131 -21.26 -1.81 33.01
C GLY A 131 -20.13 -2.63 32.42
N PRO A 132 -19.14 -2.97 33.25
CA PRO A 132 -17.95 -3.66 32.74
C PRO A 132 -18.22 -5.06 32.22
N ARG A 133 -19.20 -5.77 32.78
CA ARG A 133 -19.49 -7.13 32.35
C ARG A 133 -20.19 -7.20 31.00
N LYS A 134 -20.46 -6.06 30.36
CA LYS A 134 -21.09 -6.04 29.04
C LYS A 134 -20.08 -5.88 27.92
N VAL A 135 -18.79 -5.83 28.24
CA VAL A 135 -17.73 -5.81 27.23
C VAL A 135 -17.35 -7.25 26.92
N SER A 136 -17.33 -7.59 25.63
CA SER A 136 -17.11 -8.96 25.23
C SER A 136 -15.71 -9.45 25.63
N PRO A 137 -15.57 -10.73 25.95
CA PRO A 137 -14.22 -11.29 26.18
C PRO A 137 -13.35 -11.25 24.94
N LEU A 138 -13.93 -11.02 23.77
CA LEU A 138 -13.18 -10.87 22.53
C LEU A 138 -12.79 -9.43 22.23
N ALA A 139 -13.11 -8.50 23.14
CA ALA A 139 -12.83 -7.09 22.87
C ALA A 139 -11.33 -6.84 22.72
N VAL A 140 -10.52 -7.45 23.57
CA VAL A 140 -9.07 -7.21 23.51
C VAL A 140 -8.52 -7.63 22.16
N GLN A 141 -8.87 -8.83 21.70
CA GLN A 141 -8.33 -9.33 20.44
C GLN A 141 -8.90 -8.64 19.21
N MET A 142 -9.99 -7.87 19.36
CA MET A 142 -10.51 -7.11 18.24
C MET A 142 -9.88 -5.74 18.11
N ILE A 143 -9.49 -5.13 19.24
CA ILE A 143 -9.05 -3.75 19.19
C ILE A 143 -7.56 -3.63 18.97
N MET A 144 -6.78 -4.63 19.35
CA MET A 144 -5.34 -4.53 19.25
C MET A 144 -4.92 -4.33 17.79
N PRO A 145 -4.08 -3.34 17.48
CA PRO A 145 -3.73 -3.09 16.08
C PRO A 145 -3.03 -4.26 15.42
N ASN A 146 -2.35 -5.11 16.20
CA ASN A 146 -1.79 -6.34 15.67
C ASN A 146 -2.86 -7.38 15.33
N GLY A 147 -4.14 -7.04 15.48
CA GLY A 147 -5.19 -8.03 15.32
C GLY A 147 -5.31 -8.55 13.89
N ALA A 148 -5.20 -7.66 12.91
CA ALA A 148 -5.32 -8.08 11.52
C ALA A 148 -4.22 -9.07 11.16
N ALA A 149 -2.97 -8.76 11.52
CA ALA A 149 -1.87 -9.68 11.26
C ALA A 149 -2.02 -10.96 12.08
N ALA A 150 -2.54 -10.85 13.31
CA ALA A 150 -2.72 -12.02 14.14
C ALA A 150 -3.79 -12.95 13.56
N VAL A 151 -4.87 -12.38 13.03
CA VAL A 151 -5.91 -13.19 12.41
C VAL A 151 -5.36 -13.92 11.20
N ILE A 152 -4.54 -13.24 10.39
CA ILE A 152 -3.99 -13.86 9.19
C ILE A 152 -3.01 -14.96 9.55
N GLY A 153 -2.12 -14.70 10.52
CA GLY A 153 -1.17 -15.72 10.92
C GLY A 153 -1.83 -16.95 11.52
N LEU A 154 -2.90 -16.74 12.29
CA LEU A 154 -3.63 -17.86 12.87
C LEU A 154 -4.40 -18.62 11.81
N GLN A 155 -4.93 -17.91 10.81
CA GLN A 155 -5.68 -18.56 9.74
C GLN A 155 -4.77 -19.39 8.85
N LEU A 156 -3.58 -18.87 8.54
CA LEU A 156 -2.66 -19.54 7.63
C LEU A 156 -1.62 -20.41 8.34
N GLY A 157 -1.50 -20.29 9.66
CA GLY A 157 -0.53 -21.07 10.41
C GLY A 157 0.89 -20.58 10.25
N ALA A 158 1.10 -19.28 10.41
CA ALA A 158 2.43 -18.69 10.32
C ALA A 158 3.05 -18.63 11.71
N ARG A 159 4.19 -19.31 11.88
CA ARG A 159 4.83 -19.42 13.18
C ARG A 159 6.25 -18.86 13.21
N ALA A 160 6.73 -18.29 12.12
CA ALA A 160 8.04 -17.66 12.08
C ALA A 160 7.98 -16.15 12.31
N GLY A 161 6.91 -15.66 12.94
CA GLY A 161 6.80 -14.24 13.23
C GLY A 161 5.54 -13.63 12.62
N VAL A 162 4.83 -12.89 13.46
CA VAL A 162 3.65 -12.12 13.03
C VAL A 162 3.86 -10.70 13.52
N MET A 163 4.10 -9.77 12.60
CA MET A 163 4.48 -8.42 12.95
C MET A 163 3.56 -7.40 12.29
N THR A 164 3.40 -6.26 12.95
CA THR A 164 2.53 -5.18 12.47
C THR A 164 3.27 -3.85 12.59
N PRO A 165 3.84 -3.35 11.50
CA PRO A 165 4.46 -2.02 11.55
C PRO A 165 3.44 -0.92 11.34
N VAL A 166 3.63 0.18 12.05
CA VAL A 166 2.77 1.34 12.00
C VAL A 166 3.58 2.53 11.52
N SER A 167 3.21 3.08 10.37
CA SER A 167 3.87 4.28 9.90
C SER A 167 2.99 5.05 8.91
N ALA A 168 1.67 5.14 9.16
CA ALA A 168 0.74 5.94 8.37
C ALA A 168 0.78 5.45 6.92
N CYS A 169 1.05 6.31 5.93
CA CYS A 169 0.92 5.92 4.53
C CYS A 169 1.95 4.90 4.08
N SER A 170 3.02 4.71 4.85
CA SER A 170 4.07 3.77 4.51
CA SER A 170 4.07 3.76 4.50
C SER A 170 3.94 2.43 5.25
N SER A 171 2.86 2.24 6.01
CA SER A 171 2.70 1.01 6.77
C SER A 171 2.68 -0.22 5.87
N GLY A 172 1.97 -0.14 4.74
CA GLY A 172 1.89 -1.29 3.86
C GLY A 172 3.22 -1.64 3.21
N SER A 173 3.98 -0.63 2.78
CA SER A 173 5.28 -0.88 2.18
C SER A 173 6.29 -1.33 3.23
N GLU A 174 6.26 -0.73 4.41
CA GLU A 174 7.21 -1.12 5.47
C GLU A 174 6.98 -2.56 5.89
N ALA A 175 5.74 -3.04 5.85
CA ALA A 175 5.47 -4.43 6.17
C ALA A 175 6.18 -5.37 5.20
N ILE A 176 6.12 -5.05 3.90
CA ILE A 176 6.84 -5.84 2.91
C ILE A 176 8.34 -5.73 3.14
N ALA A 177 8.81 -4.57 3.60
CA ALA A 177 10.24 -4.40 3.86
C ALA A 177 10.71 -5.31 4.98
N HIS A 178 9.95 -5.36 6.08
CA HIS A 178 10.35 -6.20 7.21
C HIS A 178 10.19 -7.68 6.89
N ALA A 179 9.20 -8.04 6.06
CA ALA A 179 9.08 -9.43 5.63
C ALA A 179 10.26 -9.84 4.77
N TRP A 180 10.78 -8.92 3.96
CA TRP A 180 11.99 -9.19 3.19
C TRP A 180 13.19 -9.34 4.11
N ARG A 181 13.26 -8.53 5.18
CA ARG A 181 14.33 -8.67 6.15
C ARG A 181 14.22 -10.00 6.90
N GLN A 182 13.01 -10.41 7.25
CA GLN A 182 12.82 -11.65 7.99
C GLN A 182 13.30 -12.85 7.19
N ILE A 183 13.31 -12.76 5.87
CA ILE A 183 13.72 -13.87 5.02
C ILE A 183 15.23 -13.87 4.81
N VAL A 184 15.81 -12.74 4.40
CA VAL A 184 17.24 -12.71 4.10
C VAL A 184 18.08 -12.84 5.37
N MET A 185 17.51 -12.56 6.53
CA MET A 185 18.21 -12.80 7.79
C MET A 185 18.10 -14.25 8.26
N GLY A 186 17.35 -15.09 7.53
CA GLY A 186 17.28 -16.50 7.83
C GLY A 186 16.17 -16.90 8.79
N ASP A 187 15.32 -15.97 9.21
CA ASP A 187 14.25 -16.30 10.15
C ASP A 187 13.04 -16.92 9.48
N ALA A 188 12.95 -16.87 8.15
CA ALA A 188 11.81 -17.44 7.45
C ALA A 188 12.19 -17.63 5.98
N ASP A 189 11.43 -18.49 5.31
CA ASP A 189 11.59 -18.72 3.87
C ASP A 189 10.42 -18.23 3.04
N VAL A 190 9.27 -17.98 3.66
CA VAL A 190 8.07 -17.56 2.95
C VAL A 190 7.29 -16.63 3.86
N ALA A 191 6.70 -15.59 3.29
CA ALA A 191 6.02 -14.58 4.10
C ALA A 191 4.82 -14.01 3.35
N VAL A 192 3.71 -13.87 4.07
CA VAL A 192 2.56 -13.11 3.60
C VAL A 192 2.70 -11.69 4.15
N CYS A 193 2.71 -10.70 3.27
CA CYS A 193 2.93 -9.32 3.68
C CYS A 193 2.04 -8.38 2.88
N GLY A 194 1.65 -7.29 3.53
CA GLY A 194 0.80 -6.30 2.89
C GLY A 194 0.29 -5.27 3.88
N GLY A 195 -0.90 -4.76 3.60
CA GLY A 195 -1.49 -3.75 4.45
C GLY A 195 -2.99 -3.73 4.32
N VAL A 196 -3.66 -3.39 5.42
CA VAL A 196 -5.11 -3.24 5.47
C VAL A 196 -5.43 -1.89 6.09
N GLU A 197 -6.63 -1.40 5.80
CA GLU A 197 -7.04 -0.08 6.28
C GLU A 197 -8.56 -0.03 6.34
N GLY A 198 -9.06 0.85 7.23
CA GLY A 198 -10.47 1.01 7.39
C GLY A 198 -11.11 1.75 6.22
N PRO A 199 -12.43 1.89 6.26
CA PRO A 199 -13.16 2.53 5.16
C PRO A 199 -13.17 4.05 5.32
N ILE A 200 -13.76 4.70 4.33
CA ILE A 200 -13.92 6.15 4.35
C ILE A 200 -15.05 6.51 5.30
N GLU A 201 -14.82 7.49 6.17
CA GLU A 201 -15.83 7.94 7.11
C GLU A 201 -15.67 9.42 7.35
N ALA A 202 -16.55 9.98 8.19
CA ALA A 202 -16.61 11.42 8.36
C ALA A 202 -15.41 11.95 9.15
N LEU A 203 -15.03 11.28 10.24
CA LEU A 203 -13.93 11.78 11.06
C LEU A 203 -12.57 11.71 10.37
N PRO A 204 -12.23 10.65 9.63
CA PRO A 204 -10.98 10.73 8.84
C PRO A 204 -10.99 11.88 7.85
N ILE A 205 -12.12 12.12 7.18
CA ILE A 205 -12.20 13.21 6.22
C ILE A 205 -11.98 14.56 6.91
N ALA A 206 -12.64 14.74 8.06
CA ALA A 206 -12.54 16.02 8.76
C ALA A 206 -11.12 16.25 9.28
N ALA A 207 -10.48 15.19 9.80
CA ALA A 207 -9.15 15.34 10.36
C ALA A 207 -8.12 15.71 9.29
N PHE A 208 -8.16 15.02 8.15
CA PHE A 208 -7.18 15.27 7.10
C PHE A 208 -7.50 16.54 6.32
N SER A 209 -8.77 16.85 6.11
CA SER A 209 -9.13 18.08 5.38
C SER A 209 -8.87 19.33 6.20
N MET A 210 -8.77 19.21 7.52
CA MET A 210 -8.42 20.37 8.34
C MET A 210 -6.95 20.74 8.20
N MET A 211 -6.12 19.83 7.70
CA MET A 211 -4.74 20.12 7.37
C MET A 211 -4.58 20.70 5.96
N ARG A 212 -5.70 20.95 5.27
CA ARG A 212 -5.69 21.36 3.86
C ARG A 212 -4.89 20.38 3.01
N ALA A 213 -5.07 19.08 3.28
CA ALA A 213 -4.34 18.03 2.60
C ALA A 213 -5.18 17.28 1.57
N MET A 214 -6.49 17.51 1.52
CA MET A 214 -7.38 16.77 0.64
C MET A 214 -7.90 17.66 -0.47
N SER A 215 -8.33 17.03 -1.55
CA SER A 215 -8.83 17.74 -2.72
C SER A 215 -10.29 18.16 -2.53
N THR A 216 -10.65 19.30 -3.12
CA THR A 216 -11.98 19.87 -2.99
C THR A 216 -12.71 19.96 -4.34
N ARG A 217 -12.22 19.22 -5.35
CA ARG A 217 -12.84 19.24 -6.68
C ARG A 217 -14.01 18.26 -6.71
N ASN A 218 -15.09 18.65 -6.05
CA ASN A 218 -16.26 17.80 -5.91
C ASN A 218 -17.12 17.75 -7.17
N ASP A 219 -17.00 18.74 -8.05
CA ASP A 219 -17.82 18.76 -9.26
C ASP A 219 -17.42 17.64 -10.22
N GLU A 220 -16.12 17.36 -10.32
CA GLU A 220 -15.59 16.30 -11.17
C GLU A 220 -14.79 15.34 -10.30
N PRO A 221 -15.43 14.33 -9.72
CA PRO A 221 -14.70 13.45 -8.79
C PRO A 221 -13.54 12.71 -9.43
N GLU A 222 -13.71 12.21 -10.65
CA GLU A 222 -12.65 11.47 -11.32
C GLU A 222 -11.47 12.37 -11.70
N ARG A 223 -11.65 13.68 -11.71
CA ARG A 223 -10.62 14.62 -12.13
C ARG A 223 -9.89 15.26 -10.96
N ALA A 224 -10.16 14.85 -9.73
CA ALA A 224 -9.64 15.59 -8.59
C ALA A 224 -8.22 15.17 -8.20
N SER A 225 -7.96 13.86 -8.18
CA SER A 225 -6.64 13.35 -7.83
C SER A 225 -5.70 13.63 -8.99
N ARG A 226 -4.89 14.68 -8.86
CA ARG A 226 -4.00 15.14 -9.92
C ARG A 226 -2.56 15.20 -9.44
N PRO A 227 -1.94 14.04 -9.19
CA PRO A 227 -0.54 14.04 -8.73
C PRO A 227 0.39 14.59 -9.81
N PHE A 228 1.28 15.49 -9.40
CA PHE A 228 2.28 16.17 -10.22
C PHE A 228 1.67 17.12 -11.25
N ASP A 229 0.35 17.32 -11.22
CA ASP A 229 -0.29 18.32 -12.05
C ASP A 229 -0.30 19.66 -11.33
N LYS A 230 -0.34 20.74 -12.11
CA LYS A 230 -0.21 22.07 -11.54
C LYS A 230 -1.49 22.55 -10.86
N ASP A 231 -2.64 21.94 -11.15
CA ASP A 231 -3.89 22.32 -10.52
C ASP A 231 -4.31 21.34 -9.41
N ARG A 232 -3.37 20.55 -8.90
CA ARG A 232 -3.68 19.67 -7.78
C ARG A 232 -4.00 20.48 -6.53
N ASP A 233 -4.74 19.86 -5.61
CA ASP A 233 -5.15 20.56 -4.40
C ASP A 233 -5.36 19.56 -3.26
N GLY A 234 -4.57 18.49 -3.25
CA GLY A 234 -4.59 17.51 -2.17
C GLY A 234 -4.91 16.12 -2.68
N PHE A 235 -4.99 15.20 -1.73
CA PHE A 235 -5.23 13.80 -2.05
C PHE A 235 -6.72 13.46 -1.94
N VAL A 236 -7.07 12.28 -2.42
CA VAL A 236 -8.42 11.76 -2.39
C VAL A 236 -8.39 10.37 -1.77
N PHE A 237 -9.35 10.10 -0.88
CA PHE A 237 -9.44 8.79 -0.26
C PHE A 237 -9.86 7.73 -1.27
N GLY A 238 -9.19 6.59 -1.22
CA GLY A 238 -9.55 5.45 -2.05
C GLY A 238 -9.32 4.15 -1.31
N GLU A 239 -10.41 3.52 -0.87
CA GLU A 239 -10.30 2.33 -0.03
C GLU A 239 -9.54 1.22 -0.74
N ALA A 240 -8.71 0.50 0.02
CA ALA A 240 -7.91 -0.57 -0.55
C ALA A 240 -7.41 -1.48 0.55
N GLY A 241 -7.01 -2.68 0.14
CA GLY A 241 -6.33 -3.63 0.99
C GLY A 241 -5.57 -4.60 0.11
N ALA A 242 -4.32 -4.91 0.43
CA ALA A 242 -3.51 -5.70 -0.47
C ALA A 242 -2.55 -6.57 0.31
N LEU A 243 -2.34 -7.79 -0.19
CA LEU A 243 -1.37 -8.73 0.34
C LEU A 243 -0.61 -9.38 -0.81
N MET A 244 0.63 -9.75 -0.55
CA MET A 244 1.43 -10.48 -1.53
C MET A 244 2.18 -11.60 -0.81
N LEU A 245 2.47 -12.66 -1.57
CA LEU A 245 3.22 -13.80 -1.07
C LEU A 245 4.64 -13.73 -1.61
N ILE A 246 5.61 -13.60 -0.72
CA ILE A 246 7.02 -13.60 -1.09
C ILE A 246 7.68 -14.81 -0.46
N GLU A 247 8.74 -15.28 -1.12
CA GLU A 247 9.48 -16.46 -0.66
C GLU A 247 10.82 -16.48 -1.38
N THR A 248 11.75 -17.24 -0.82
CA THR A 248 13.03 -17.44 -1.47
C THR A 248 12.83 -18.12 -2.82
N GLU A 249 13.72 -17.83 -3.76
CA GLU A 249 13.60 -18.42 -5.10
C GLU A 249 13.67 -19.94 -5.04
N GLU A 250 14.51 -20.48 -4.16
CA GLU A 250 14.60 -21.93 -4.03
C GLU A 250 13.35 -22.52 -3.40
N HIS A 251 12.67 -21.78 -2.52
CA HIS A 251 11.39 -22.23 -1.99
C HIS A 251 10.32 -22.22 -3.07
N ALA A 252 10.38 -21.27 -4.00
CA ALA A 252 9.37 -21.20 -5.05
C ALA A 252 9.56 -22.31 -6.08
N LYS A 253 10.82 -22.66 -6.37
CA LYS A 253 11.08 -23.72 -7.35
C LYS A 253 10.71 -25.09 -6.79
N ALA A 254 10.84 -25.29 -5.47
CA ALA A 254 10.56 -26.59 -4.89
C ALA A 254 9.07 -26.93 -4.87
N ARG A 255 8.20 -25.93 -4.89
CA ARG A 255 6.76 -26.15 -4.90
C ARG A 255 6.12 -25.88 -6.26
N GLY A 256 6.94 -25.62 -7.28
CA GLY A 256 6.43 -25.36 -8.62
C GLY A 256 5.60 -24.10 -8.71
N ALA A 257 6.13 -22.98 -8.23
CA ALA A 257 5.44 -21.70 -8.25
C ALA A 257 6.06 -20.80 -9.30
N LYS A 258 5.21 -20.15 -10.10
CA LYS A 258 5.68 -19.22 -11.12
C LYS A 258 5.86 -17.85 -10.48
N PRO A 259 7.08 -17.35 -10.34
CA PRO A 259 7.26 -16.03 -9.71
C PRO A 259 6.78 -14.92 -10.63
N LEU A 260 6.18 -13.90 -10.02
CA LEU A 260 5.68 -12.76 -10.76
C LEU A 260 6.73 -11.66 -10.90
N ALA A 261 7.60 -11.50 -9.91
CA ALA A 261 8.67 -10.53 -9.95
C ALA A 261 9.66 -10.88 -8.84
N ARG A 262 10.71 -10.08 -8.73
CA ARG A 262 11.73 -10.24 -7.70
C ARG A 262 11.69 -9.06 -6.74
N LEU A 263 11.77 -9.35 -5.44
CA LEU A 263 11.91 -8.34 -4.41
C LEU A 263 13.39 -8.25 -4.07
N LEU A 264 14.02 -7.14 -4.47
CA LEU A 264 15.48 -7.03 -4.46
C LEU A 264 16.05 -6.29 -3.27
N GLY A 265 15.31 -5.35 -2.69
CA GLY A 265 15.83 -4.60 -1.56
C GLY A 265 14.79 -3.65 -1.02
N ALA A 266 15.10 -3.10 0.16
CA ALA A 266 14.18 -2.20 0.85
C ALA A 266 14.98 -1.20 1.68
N GLY A 267 14.60 0.07 1.58
CA GLY A 267 15.25 1.11 2.35
C GLY A 267 14.29 1.89 3.23
N ILE A 268 14.62 2.03 4.51
CA ILE A 268 13.76 2.72 5.46
C ILE A 268 14.57 3.83 6.11
N THR A 269 14.16 5.09 5.87
CA THR A 269 14.75 6.26 6.50
C THR A 269 13.64 7.10 7.12
N SER A 270 14.02 8.21 7.73
CA SER A 270 13.05 9.13 8.32
C SER A 270 13.52 10.57 8.13
N ASP A 271 12.56 11.48 8.07
CA ASP A 271 12.88 12.88 7.84
C ASP A 271 13.36 13.58 9.11
N ALA A 272 12.67 13.35 10.22
CA ALA A 272 12.90 14.09 11.46
C ALA A 272 12.83 15.59 11.21
N PHE A 273 11.77 16.01 10.56
CA PHE A 273 11.59 17.39 10.10
C PHE A 273 10.28 18.00 10.54
N HIS A 274 9.17 17.27 10.44
CA HIS A 274 7.86 17.80 10.80
C HIS A 274 6.93 16.63 11.07
N MET A 275 5.91 16.87 11.90
CA MET A 275 5.04 15.78 12.32
C MET A 275 4.16 15.25 11.19
N VAL A 276 3.90 16.05 10.16
CA VAL A 276 3.02 15.62 9.07
C VAL A 276 3.59 16.04 7.72
N ALA A 277 4.42 17.08 7.71
CA ALA A 277 4.83 17.54 6.39
C ALA A 277 6.17 16.93 5.99
N PRO A 278 6.34 16.57 4.72
CA PRO A 278 7.62 16.02 4.27
C PRO A 278 8.66 17.11 4.11
N ALA A 279 9.92 16.70 4.20
CA ALA A 279 11.03 17.62 3.99
C ALA A 279 11.07 18.06 2.53
N ALA A 280 11.23 19.37 2.32
CA ALA A 280 11.18 19.91 0.96
C ALA A 280 12.37 19.42 0.13
N ASP A 281 13.55 19.30 0.74
CA ASP A 281 14.73 18.89 -0.01
C ASP A 281 14.69 17.43 -0.43
N GLY A 282 13.81 16.63 0.19
CA GLY A 282 13.69 15.23 -0.19
C GLY A 282 14.95 14.41 -0.04
N VAL A 283 15.86 14.83 0.84
CA VAL A 283 17.14 14.14 0.95
C VAL A 283 16.96 12.77 1.61
N ARG A 284 16.22 12.74 2.73
CA ARG A 284 16.04 11.47 3.44
C ARG A 284 15.12 10.53 2.68
N ALA A 285 14.08 11.06 2.04
CA ALA A 285 13.21 10.22 1.22
C ALA A 285 13.97 9.63 0.05
N GLY A 286 14.82 10.44 -0.61
CA GLY A 286 15.66 9.93 -1.67
C GLY A 286 16.71 8.96 -1.17
N ARG A 287 17.20 9.17 0.06
CA ARG A 287 18.14 8.22 0.66
C ARG A 287 17.51 6.84 0.82
N ALA A 288 16.20 6.79 1.10
CA ALA A 288 15.52 5.51 1.18
C ALA A 288 15.55 4.78 -0.15
N MET A 289 15.40 5.53 -1.26
CA MET A 289 15.52 4.92 -2.58
C MET A 289 16.93 4.41 -2.80
N THR A 290 17.94 5.23 -2.49
CA THR A 290 19.32 4.80 -2.62
C THR A 290 19.60 3.56 -1.79
N ARG A 291 19.08 3.52 -0.56
CA ARG A 291 19.33 2.39 0.33
C ARG A 291 18.76 1.10 -0.26
N SER A 292 17.60 1.17 -0.91
CA SER A 292 17.04 -0.02 -1.54
C SER A 292 17.90 -0.50 -2.70
N LEU A 293 18.58 0.43 -3.39
CA LEU A 293 19.46 0.03 -4.49
C LEU A 293 20.73 -0.62 -3.97
N GLU A 294 21.28 -0.11 -2.86
CA GLU A 294 22.50 -0.69 -2.29
C GLU A 294 22.27 -2.12 -1.85
N LEU A 295 21.16 -2.37 -1.16
CA LEU A 295 20.83 -3.74 -0.75
C LEU A 295 20.48 -4.60 -1.94
N ALA A 296 19.94 -4.01 -3.00
CA ALA A 296 19.65 -4.77 -4.21
C ALA A 296 20.89 -5.03 -5.05
N GLY A 297 21.86 -4.10 -5.02
CA GLY A 297 23.02 -4.21 -5.86
C GLY A 297 22.93 -3.45 -7.16
N LEU A 298 22.07 -2.45 -7.24
CA LEU A 298 21.84 -1.68 -8.45
C LEU A 298 22.38 -0.27 -8.30
N SER A 299 22.26 0.51 -9.37
CA SER A 299 22.60 1.91 -9.43
C SER A 299 21.43 2.65 -10.05
N PRO A 300 21.33 3.98 -9.85
CA PRO A 300 20.18 4.73 -10.37
C PRO A 300 19.93 4.54 -11.85
N ALA A 301 20.96 4.16 -12.62
CA ALA A 301 20.79 3.97 -14.05
C ALA A 301 19.90 2.76 -14.36
N ASP A 302 19.92 1.74 -13.51
CA ASP A 302 19.12 0.54 -13.75
C ASP A 302 17.63 0.74 -13.49
N ILE A 303 17.25 1.82 -12.82
CA ILE A 303 15.85 2.05 -12.46
C ILE A 303 15.11 2.60 -13.68
N ASP A 304 14.26 1.76 -14.29
CA ASP A 304 13.47 2.18 -15.44
C ASP A 304 12.12 2.75 -15.05
N HIS A 305 11.61 2.41 -13.87
CA HIS A 305 10.25 2.78 -13.46
C HIS A 305 10.24 3.14 -11.99
N VAL A 306 9.42 4.13 -11.65
CA VAL A 306 9.22 4.54 -10.26
C VAL A 306 7.72 4.65 -10.02
N ASN A 307 7.19 3.77 -9.18
CA ASN A 307 5.81 3.89 -8.71
C ASN A 307 5.82 4.90 -7.57
N ALA A 308 5.44 6.14 -7.88
CA ALA A 308 5.59 7.24 -6.95
C ALA A 308 4.55 7.19 -5.84
N HIS A 309 4.93 7.75 -4.69
CA HIS A 309 3.97 7.97 -3.62
C HIS A 309 2.83 8.86 -4.10
N GLY A 310 3.18 10.00 -4.72
CA GLY A 310 2.28 10.87 -5.43
C GLY A 310 0.87 11.01 -4.88
N THR A 311 0.74 11.71 -3.75
CA THR A 311 -0.57 11.88 -3.13
C THR A 311 -1.38 13.00 -3.78
N ALA A 312 -0.73 13.88 -4.54
CA ALA A 312 -1.32 15.05 -5.20
C ALA A 312 -1.49 16.23 -4.27
N THR A 313 -0.83 16.21 -3.11
CA THR A 313 -0.74 17.46 -2.34
C THR A 313 0.32 18.36 -2.96
N PRO A 314 0.17 19.68 -2.82
CA PRO A 314 1.18 20.59 -3.40
C PRO A 314 2.57 20.36 -2.84
N ILE A 315 2.70 20.17 -1.53
CA ILE A 315 4.01 20.01 -0.92
C ILE A 315 4.54 18.59 -1.11
N GLY A 316 3.65 17.59 -1.11
CA GLY A 316 4.11 16.21 -1.18
C GLY A 316 4.75 15.87 -2.51
N ASP A 317 4.10 16.23 -3.62
CA ASP A 317 4.64 15.91 -4.93
C ASP A 317 5.95 16.65 -5.18
N ALA A 318 6.04 17.90 -4.74
CA ALA A 318 7.27 18.66 -4.93
C ALA A 318 8.41 18.05 -4.13
N ALA A 319 8.12 17.56 -2.92
CA ALA A 319 9.15 16.94 -2.10
C ALA A 319 9.64 15.63 -2.73
N GLU A 320 8.71 14.84 -3.27
CA GLU A 320 9.11 13.58 -3.90
C GLU A 320 9.88 13.82 -5.19
N ALA A 321 9.55 14.87 -5.93
CA ALA A 321 10.31 15.21 -7.13
C ALA A 321 11.77 15.48 -6.79
N ASN A 322 12.02 16.18 -5.68
CA ASN A 322 13.39 16.37 -5.23
C ASN A 322 14.00 15.05 -4.75
N ALA A 323 13.19 14.20 -4.12
CA ALA A 323 13.70 12.92 -3.64
C ALA A 323 14.14 12.03 -4.79
N ILE A 324 13.37 12.01 -5.89
CA ILE A 324 13.76 11.23 -7.05
C ILE A 324 15.02 11.80 -7.68
N ARG A 325 15.16 13.13 -7.68
CA ARG A 325 16.38 13.74 -8.19
C ARG A 325 17.58 13.44 -7.29
N VAL A 326 17.38 13.48 -5.98
CA VAL A 326 18.45 13.16 -5.04
C VAL A 326 18.93 11.73 -5.26
N ALA A 327 18.00 10.81 -5.48
CA ALA A 327 18.34 9.42 -5.75
C ALA A 327 18.86 9.20 -7.16
N GLY A 328 18.84 10.23 -8.01
CA GLY A 328 19.34 10.08 -9.37
C GLY A 328 18.47 9.24 -10.27
N CYS A 329 17.19 9.10 -9.95
CA CYS A 329 16.27 8.29 -10.74
C CYS A 329 15.29 9.15 -11.55
N ASP A 330 15.62 10.42 -11.77
CA ASP A 330 14.68 11.32 -12.43
C ASP A 330 14.53 11.05 -13.93
N GLN A 331 15.27 10.10 -14.48
CA GLN A 331 15.09 9.69 -15.87
C GLN A 331 14.13 8.53 -16.02
N ALA A 332 13.65 7.95 -14.91
CA ALA A 332 12.76 6.81 -14.97
C ALA A 332 11.33 7.25 -15.27
N ALA A 333 10.55 6.32 -15.81
CA ALA A 333 9.14 6.57 -16.07
C ALA A 333 8.36 6.46 -14.76
N VAL A 334 7.62 7.52 -14.44
CA VAL A 334 6.95 7.64 -13.15
C VAL A 334 5.46 7.33 -13.31
N TYR A 335 4.90 6.62 -12.34
CA TYR A 335 3.48 6.33 -12.28
C TYR A 335 2.96 6.69 -10.89
N ALA A 336 1.83 7.39 -10.85
CA ALA A 336 1.18 7.78 -9.60
C ALA A 336 -0.20 7.13 -9.56
N PRO A 337 -0.31 5.91 -9.03
CA PRO A 337 -1.60 5.20 -9.05
C PRO A 337 -2.68 5.86 -8.22
N LYS A 338 -2.33 6.74 -7.27
CA LYS A 338 -3.34 7.45 -6.52
C LYS A 338 -4.20 8.36 -7.39
N SER A 339 -3.76 8.62 -8.63
CA SER A 339 -4.58 9.39 -9.56
C SER A 339 -5.88 8.68 -9.89
N ALA A 340 -5.89 7.35 -9.83
CA ALA A 340 -7.08 6.56 -10.13
C ALA A 340 -7.61 5.78 -8.94
N LEU A 341 -6.74 5.35 -8.03
CA LEU A 341 -7.13 4.51 -6.90
C LEU A 341 -7.22 5.27 -5.58
N GLY A 342 -6.72 6.50 -5.52
CA GLY A 342 -6.80 7.25 -4.29
C GLY A 342 -5.80 6.78 -3.24
N HIS A 343 -5.98 7.32 -2.04
CA HIS A 343 -5.08 7.10 -0.92
C HIS A 343 -5.78 6.24 0.13
N SER A 344 -5.14 5.13 0.51
CA SER A 344 -5.69 4.22 1.51
C SER A 344 -4.77 4.07 2.72
N ILE A 345 -3.92 5.06 2.98
CA ILE A 345 -3.11 5.13 4.19
C ILE A 345 -2.29 3.85 4.40
N GLY A 346 -2.69 3.04 5.38
CA GLY A 346 -1.89 1.90 5.78
C GLY A 346 -1.84 0.78 4.77
N ALA A 347 -2.74 0.79 3.79
CA ALA A 347 -2.79 -0.26 2.77
C ALA A 347 -2.24 0.16 1.42
N VAL A 348 -2.07 1.47 1.17
CA VAL A 348 -1.75 1.92 -0.18
C VAL A 348 -0.33 1.51 -0.57
N GLY A 349 0.61 1.49 0.38
CA GLY A 349 1.95 1.06 0.07
C GLY A 349 2.00 -0.38 -0.42
N ALA A 350 1.19 -1.25 0.18
CA ALA A 350 1.10 -2.63 -0.27
C ALA A 350 0.43 -2.72 -1.63
N LEU A 351 -0.64 -1.94 -1.85
CA LEU A 351 -1.34 -1.97 -3.12
C LEU A 351 -0.44 -1.51 -4.26
N GLU A 352 0.28 -0.40 -4.05
CA GLU A 352 1.19 0.10 -5.07
C GLU A 352 2.38 -0.83 -5.29
N SER A 353 2.72 -1.65 -4.29
CA SER A 353 3.76 -2.66 -4.50
C SER A 353 3.26 -3.76 -5.43
N VAL A 354 1.99 -4.16 -5.29
CA VAL A 354 1.41 -5.13 -6.22
C VAL A 354 1.37 -4.55 -7.63
N LEU A 355 0.97 -3.28 -7.74
CA LEU A 355 0.96 -2.63 -9.05
C LEU A 355 2.35 -2.55 -9.65
N THR A 356 3.38 -2.37 -8.81
CA THR A 356 4.74 -2.38 -9.30
C THR A 356 5.11 -3.77 -9.84
N VAL A 357 4.69 -4.82 -9.14
CA VAL A 357 4.96 -6.18 -9.60
C VAL A 357 4.27 -6.43 -10.93
N LEU A 358 3.01 -6.00 -11.06
CA LEU A 358 2.28 -6.21 -12.29
C LEU A 358 2.88 -5.41 -13.44
N THR A 359 3.44 -4.24 -13.15
CA THR A 359 4.07 -3.43 -14.20
C THR A 359 5.29 -4.16 -14.78
N LEU A 360 6.13 -4.71 -13.91
CA LEU A 360 7.31 -5.43 -14.38
C LEU A 360 6.93 -6.70 -15.13
N ARG A 361 5.87 -7.38 -14.67
CA ARG A 361 5.47 -8.63 -15.30
C ARG A 361 4.96 -8.40 -16.71
N ASP A 362 4.08 -7.42 -16.90
CA ASP A 362 3.45 -7.16 -18.19
C ASP A 362 4.20 -6.13 -19.01
N GLY A 363 5.26 -5.53 -18.48
CA GLY A 363 6.03 -4.55 -19.23
C GLY A 363 5.22 -3.35 -19.67
N VAL A 364 4.31 -2.88 -18.83
CA VAL A 364 3.43 -1.77 -19.17
C VAL A 364 3.13 -1.01 -17.90
N ILE A 365 2.97 0.30 -18.05
CA ILE A 365 2.65 1.20 -16.94
C ILE A 365 1.36 1.93 -17.26
N PRO A 366 0.35 1.87 -16.40
CA PRO A 366 -0.91 2.57 -16.67
C PRO A 366 -0.71 4.07 -16.70
N PRO A 367 -1.59 4.82 -17.36
CA PRO A 367 -1.43 6.27 -17.41
C PRO A 367 -1.85 6.93 -16.11
N THR A 368 -1.06 7.92 -15.70
CA THR A 368 -1.43 8.75 -14.55
C THR A 368 -2.60 9.63 -14.94
N LEU A 369 -3.75 9.41 -14.31
CA LEU A 369 -4.94 10.16 -14.66
C LEU A 369 -4.80 11.62 -14.28
N ASN A 370 -5.50 12.48 -15.03
CA ASN A 370 -5.63 13.91 -14.77
C ASN A 370 -4.32 14.68 -14.88
N TYR A 371 -3.26 14.05 -15.40
CA TYR A 371 -2.00 14.74 -15.63
C TYR A 371 -2.09 15.43 -16.98
N GLU A 372 -2.51 16.69 -16.96
CA GLU A 372 -2.76 17.46 -18.18
C GLU A 372 -1.92 18.71 -18.31
N THR A 373 -1.50 19.32 -17.20
CA THR A 373 -0.62 20.49 -17.23
C THR A 373 0.54 20.24 -16.28
N PRO A 374 1.71 19.87 -16.80
CA PRO A 374 2.85 19.59 -15.92
C PRO A 374 3.23 20.80 -15.06
N ASP A 375 3.41 20.55 -13.77
CA ASP A 375 3.88 21.59 -12.88
C ASP A 375 5.28 22.03 -13.31
N PRO A 376 5.51 23.33 -13.49
CA PRO A 376 6.84 23.77 -13.97
C PRO A 376 7.99 23.36 -13.08
N GLU A 377 7.80 23.42 -11.76
CA GLU A 377 8.87 23.03 -10.83
C GLU A 377 9.09 21.53 -10.81
N ILE A 378 8.13 20.74 -11.28
CA ILE A 378 8.22 19.29 -11.27
C ILE A 378 8.43 18.84 -12.71
N ASP A 379 9.68 18.56 -13.07
CA ASP A 379 10.04 18.07 -14.40
C ASP A 379 10.43 16.60 -14.27
N LEU A 380 9.44 15.72 -14.45
CA LEU A 380 9.68 14.29 -14.41
C LEU A 380 8.88 13.62 -15.51
N ASP A 381 9.37 12.46 -15.96
CA ASP A 381 8.76 11.73 -17.07
C ASP A 381 7.69 10.79 -16.51
N VAL A 382 6.50 11.34 -16.33
CA VAL A 382 5.37 10.58 -15.82
C VAL A 382 4.57 10.04 -17.00
N VAL A 383 4.04 8.84 -16.85
CA VAL A 383 3.25 8.21 -17.91
C VAL A 383 1.83 8.78 -17.87
N ALA A 384 1.31 9.14 -19.03
CA ALA A 384 -0.01 9.75 -19.11
C ALA A 384 -0.61 9.48 -20.49
N GLY A 385 -1.89 9.84 -20.63
CA GLY A 385 -2.60 9.67 -21.88
C GLY A 385 -3.10 8.26 -22.12
N GLU A 386 -2.16 7.33 -22.26
CA GLU A 386 -2.48 5.93 -22.48
C GLU A 386 -1.33 5.10 -21.92
N PRO A 387 -1.54 3.80 -21.69
CA PRO A 387 -0.47 2.97 -21.13
C PRO A 387 0.79 3.02 -22.00
N ARG A 388 1.94 3.07 -21.34
CA ARG A 388 3.24 3.07 -22.00
C ARG A 388 3.87 1.69 -21.86
N TYR A 389 3.93 0.95 -22.97
CA TYR A 389 4.63 -0.33 -22.99
C TYR A 389 6.12 -0.08 -23.11
N GLY A 390 6.89 -0.75 -22.25
CA GLY A 390 8.32 -0.54 -22.24
C GLY A 390 9.07 -1.71 -21.65
N ASP A 391 10.38 -1.74 -21.91
CA ASP A 391 11.25 -2.78 -21.39
C ASP A 391 11.73 -2.36 -20.00
N TYR A 392 10.85 -2.55 -19.02
CA TYR A 392 11.13 -2.18 -17.64
C TYR A 392 11.81 -3.35 -16.94
N ARG A 393 13.07 -3.17 -16.55
CA ARG A 393 13.86 -4.21 -15.91
C ARG A 393 13.87 -4.10 -14.39
N TYR A 394 13.90 -2.87 -13.86
CA TYR A 394 13.91 -2.64 -12.42
C TYR A 394 13.01 -1.47 -12.09
N ALA A 395 12.34 -1.54 -10.95
CA ALA A 395 11.42 -0.49 -10.53
C ALA A 395 11.49 -0.33 -9.01
N VAL A 396 11.21 0.89 -8.56
CA VAL A 396 11.21 1.22 -7.14
C VAL A 396 9.85 1.84 -6.80
N ASN A 397 9.21 1.30 -5.76
CA ASN A 397 7.94 1.81 -5.26
C ASN A 397 8.20 2.70 -4.05
N ASN A 398 7.66 3.91 -4.09
CA ASN A 398 7.89 4.90 -3.04
C ASN A 398 6.67 5.01 -2.13
N SER A 399 6.93 5.24 -0.84
CA SER A 399 5.87 5.45 0.14
CA SER A 399 5.87 5.45 0.14
C SER A 399 6.44 6.34 1.23
N PHE A 400 5.99 7.59 1.29
CA PHE A 400 6.45 8.57 2.26
C PHE A 400 5.25 8.98 3.12
N GLY A 401 5.11 8.33 4.28
CA GLY A 401 3.95 8.56 5.12
C GLY A 401 4.09 9.72 6.08
N PHE A 402 2.96 10.12 6.66
CA PHE A 402 2.95 11.20 7.64
C PHE A 402 3.79 10.82 8.85
N GLY A 403 4.50 11.80 9.38
CA GLY A 403 5.51 11.56 10.40
C GLY A 403 6.92 11.46 9.86
N GLY A 404 7.09 11.54 8.54
CA GLY A 404 8.41 11.47 7.96
C GLY A 404 8.94 10.07 7.74
N HIS A 405 8.06 9.10 7.51
CA HIS A 405 8.46 7.70 7.34
C HIS A 405 8.63 7.41 5.86
N ASN A 406 9.86 7.14 5.44
CA ASN A 406 10.20 6.91 4.04
C ASN A 406 10.57 5.44 3.85
N VAL A 407 9.87 4.77 2.95
CA VAL A 407 10.13 3.38 2.61
C VAL A 407 10.20 3.25 1.09
N ALA A 408 11.27 2.63 0.59
CA ALA A 408 11.43 2.38 -0.83
C ALA A 408 11.70 0.91 -1.06
N LEU A 409 10.91 0.30 -1.94
CA LEU A 409 11.03 -1.12 -2.26
C LEU A 409 11.56 -1.25 -3.68
N ALA A 410 12.68 -1.95 -3.83
CA ALA A 410 13.29 -2.17 -5.14
C ALA A 410 12.82 -3.50 -5.71
N PHE A 411 12.15 -3.45 -6.86
CA PHE A 411 11.62 -4.63 -7.51
C PHE A 411 12.32 -4.85 -8.85
N GLY A 412 12.43 -6.11 -9.23
CA GLY A 412 13.06 -6.49 -10.49
C GLY A 412 12.21 -7.47 -11.27
N ARG A 413 12.23 -7.32 -12.59
CA ARG A 413 11.49 -8.24 -13.46
C ARG A 413 12.09 -9.64 -13.36
N TYR A 414 11.21 -10.63 -13.28
CA TYR A 414 11.65 -12.02 -13.19
C TYR A 414 11.98 -12.57 -14.58
#